data_3N6Y
#
_entry.id   3N6Y
#
_cell.length_a   41.073
_cell.length_b   65.341
_cell.length_c   53.065
_cell.angle_alpha   90.000
_cell.angle_beta   103.190
_cell.angle_gamma   90.000
#
_symmetry.space_group_name_H-M   'P 1 21 1'
#
loop_
_entity.id
_entity.type
_entity.pdbx_description
1 polymer 'immunoglobulin-like protein'
2 non-polymer 'TETRAETHYLENE GLYCOL'
3 non-polymer 'SULFATE ION'
4 water water
#
_entity_poly.entity_id   1
_entity_poly.type   'polypeptide(L)'
_entity_poly.pdbx_seq_one_letter_code
;GAQAEVRIDGPIEYGVFESRYQDFQPGERVLTRSEQNIQQTTEVPAKLGTKFG(MSE)RYQLSGKQEGDTPLTLLYLTPG
VVTPDGQRHDKFEVVQKLVPGAPTDV(MSE)AYEFTEPHEVVKGEWRL(MSE)VFQGDRLLAEKSFDVR
;
_entity_poly.pdbx_strand_id   A,B
#
# COMPACT_ATOMS: atom_id res chain seq x y z
N GLY A 1 -8.94 8.26 -29.27
CA GLY A 1 -8.87 9.70 -29.65
C GLY A 1 -7.66 10.47 -29.10
N ALA A 2 -7.75 11.80 -29.00
CA ALA A 2 -6.64 12.57 -28.48
C ALA A 2 -6.25 12.09 -27.06
N GLN A 3 -4.95 12.14 -26.75
CA GLN A 3 -4.48 11.66 -25.45
C GLN A 3 -5.24 12.38 -24.33
N ALA A 4 -5.62 11.62 -23.29
CA ALA A 4 -6.39 12.16 -22.18
C ALA A 4 -5.94 11.47 -20.92
N GLU A 5 -6.00 12.21 -19.84
CA GLU A 5 -5.74 11.72 -18.47
C GLU A 5 -6.92 10.85 -17.99
N VAL A 6 -6.59 9.76 -17.30
CA VAL A 6 -7.60 8.94 -16.64
C VAL A 6 -8.02 9.57 -15.33
N ARG A 7 -9.31 9.84 -15.18
CA ARG A 7 -9.82 10.54 -14.01
C ARG A 7 -11.10 9.93 -13.52
N ILE A 8 -11.32 9.99 -12.21
CA ILE A 8 -12.63 9.67 -11.65
C ILE A 8 -13.70 10.63 -12.17
N ASP A 9 -14.83 10.05 -12.55
CA ASP A 9 -15.95 10.81 -13.10
C ASP A 9 -17.17 10.47 -12.26
N GLY A 10 -17.60 11.39 -11.40
CA GLY A 10 -18.78 11.19 -10.59
C GLY A 10 -18.48 10.46 -9.28
N PRO A 11 -19.54 10.14 -8.53
CA PRO A 11 -19.44 9.55 -7.20
C PRO A 11 -18.79 8.18 -7.19
N ILE A 12 -18.05 7.89 -6.13
CA ILE A 12 -17.58 6.53 -5.91
C ILE A 12 -18.63 5.76 -5.12
N GLU A 13 -19.07 4.61 -5.60
CA GLU A 13 -19.97 3.79 -4.80
C GLU A 13 -19.10 2.96 -3.89
N TYR A 14 -19.55 2.69 -2.68
CA TYR A 14 -18.78 1.81 -1.80
C TYR A 14 -19.69 1.06 -0.86
N GLY A 15 -19.27 -0.13 -0.46
CA GLY A 15 -20.04 -0.98 0.44
C GLY A 15 -20.08 -2.44 0.12
N VAL A 16 -21.20 -3.07 0.49
CA VAL A 16 -21.43 -4.49 0.36
C VAL A 16 -22.22 -4.73 -0.93
N PHE A 17 -21.68 -5.60 -1.78
CA PHE A 17 -22.28 -5.99 -3.08
C PHE A 17 -23.36 -7.01 -2.82
N GLU A 18 -24.51 -6.80 -3.43
CA GLU A 18 -25.64 -7.70 -3.19
C GLU A 18 -25.83 -8.59 -4.39
N SER A 19 -26.02 -9.87 -4.15
CA SER A 19 -26.26 -10.81 -5.22
C SER A 19 -27.59 -11.48 -4.95
N ARG A 20 -28.21 -12.02 -6.00
CA ARG A 20 -29.46 -12.75 -5.85
C ARG A 20 -29.45 -14.05 -6.66
N SER A 34 -29.12 -8.53 -13.87
CA SER A 34 -29.01 -7.16 -13.37
C SER A 34 -27.62 -6.93 -12.78
N GLU A 35 -27.16 -5.69 -12.76
CA GLU A 35 -25.90 -5.33 -12.10
C GLU A 35 -26.14 -5.44 -10.60
N GLN A 36 -25.07 -5.61 -9.82
CA GLN A 36 -25.22 -5.80 -8.38
C GLN A 36 -25.47 -4.45 -7.74
N ASN A 37 -26.51 -4.37 -6.91
CA ASN A 37 -26.70 -3.26 -6.03
C ASN A 37 -25.56 -3.30 -5.02
N ILE A 38 -25.16 -2.13 -4.58
CA ILE A 38 -24.24 -1.93 -3.45
C ILE A 38 -24.93 -1.21 -2.29
N GLN A 39 -24.93 -1.84 -1.11
CA GLN A 39 -25.45 -1.24 0.13
CA GLN A 39 -25.44 -1.26 0.15
C GLN A 39 -24.32 -0.38 0.69
N GLN A 40 -24.54 0.91 0.75
CA GLN A 40 -23.46 1.83 1.10
C GLN A 40 -23.12 1.71 2.56
N THR A 41 -21.89 1.30 2.85
CA THR A 41 -21.43 1.19 4.23
C THR A 41 -19.92 0.98 4.26
N THR A 42 -19.31 1.30 5.41
CA THR A 42 -17.93 0.89 5.70
C THR A 42 -17.85 -0.26 6.67
N GLU A 43 -19.02 -0.76 7.09
CA GLU A 43 -19.11 -1.83 8.08
C GLU A 43 -19.50 -3.12 7.36
N VAL A 44 -18.58 -4.07 7.38
CA VAL A 44 -18.68 -5.29 6.60
C VAL A 44 -18.75 -6.52 7.51
N PRO A 45 -19.78 -7.39 7.33
CA PRO A 45 -19.83 -8.61 8.16
C PRO A 45 -18.70 -9.59 7.91
N ALA A 46 -18.16 -10.15 8.99
CA ALA A 46 -17.11 -11.15 8.93
C ALA A 46 -17.79 -12.49 8.69
N LYS A 47 -18.34 -12.62 7.49
CA LYS A 47 -19.10 -13.81 7.09
C LYS A 47 -18.73 -14.26 5.69
N LEU A 48 -18.51 -15.57 5.52
CA LEU A 48 -18.27 -16.15 4.19
C LEU A 48 -19.34 -15.72 3.19
N GLY A 49 -18.92 -15.41 1.98
CA GLY A 49 -19.80 -15.03 0.91
C GLY A 49 -20.01 -13.53 0.82
N THR A 50 -19.47 -12.78 1.77
CA THR A 50 -19.61 -11.32 1.73
C THR A 50 -18.61 -10.72 0.76
N LYS A 51 -19.10 -9.95 -0.18
CA LYS A 51 -18.29 -9.18 -1.14
C LYS A 51 -18.41 -7.69 -0.87
N PHE A 52 -17.26 -7.01 -0.79
CA PHE A 52 -17.28 -5.59 -0.54
C PHE A 52 -16.21 -4.84 -1.34
N GLY A 53 -16.40 -3.56 -1.47
CA GLY A 53 -15.44 -2.72 -2.17
C GLY A 53 -16.08 -1.50 -2.77
N ARG A 55 -17.15 0.73 -6.63
CA ARG A 55 -17.49 0.74 -8.04
C ARG A 55 -17.45 2.22 -8.43
N TYR A 56 -16.85 2.52 -9.56
CA TYR A 56 -16.56 3.89 -9.96
CA TYR A 56 -16.63 3.89 -9.96
C TYR A 56 -16.53 3.99 -11.50
N GLN A 57 -16.56 5.21 -11.99
CA GLN A 57 -16.47 5.51 -13.41
C GLN A 57 -15.20 6.32 -13.67
N LEU A 58 -14.48 5.92 -14.72
CA LEU A 58 -13.26 6.61 -15.16
C LEU A 58 -13.44 7.19 -16.57
N SER A 59 -13.12 8.48 -16.71
CA SER A 59 -13.03 9.13 -18.01
C SER A 59 -11.58 9.04 -18.49
N GLY A 60 -11.37 9.12 -19.81
CA GLY A 60 -10.01 9.17 -20.39
C GLY A 60 -9.30 7.84 -20.61
N LYS A 61 -10.02 6.73 -20.38
CA LYS A 61 -9.41 5.41 -20.50
C LYS A 61 -9.04 5.11 -21.96
N GLN A 62 -7.78 4.71 -22.19
CA GLN A 62 -7.30 4.43 -23.53
C GLN A 62 -6.47 3.16 -23.52
N GLU A 63 -6.25 2.58 -24.71
CA GLU A 63 -5.56 1.29 -24.80
C GLU A 63 -4.12 1.33 -24.32
N GLY A 64 -3.42 2.43 -24.58
CA GLY A 64 -2.00 2.50 -24.27
C GLY A 64 -1.68 3.00 -22.88
N ASP A 65 -2.72 3.13 -22.05
CA ASP A 65 -2.58 3.73 -20.73
C ASP A 65 -1.98 2.74 -19.75
N THR A 66 -1.28 3.31 -18.78
CA THR A 66 -0.82 2.56 -17.61
C THR A 66 -2.06 1.89 -16.96
N PRO A 67 -1.96 0.59 -16.71
CA PRO A 67 -3.05 -0.13 -16.05
C PRO A 67 -3.26 0.32 -14.61
N LEU A 68 -4.36 -0.16 -14.03
CA LEU A 68 -4.63 0.12 -12.65
C LEU A 68 -3.87 -0.87 -11.78
N THR A 69 -3.47 -0.39 -10.61
CA THR A 69 -2.98 -1.26 -9.53
C THR A 69 -4.05 -1.18 -8.42
N LEU A 70 -4.66 -2.32 -8.12
CA LEU A 70 -5.62 -2.43 -7.01
CA LEU A 70 -5.62 -2.42 -7.03
C LEU A 70 -4.85 -2.96 -5.81
N LEU A 71 -4.67 -2.11 -4.82
CA LEU A 71 -3.85 -2.40 -3.64
CA LEU A 71 -3.85 -2.39 -3.65
C LEU A 71 -4.79 -2.65 -2.50
N TYR A 72 -4.92 -3.91 -2.08
CA TYR A 72 -5.72 -4.25 -0.92
C TYR A 72 -4.81 -4.39 0.28
N LEU A 73 -4.98 -3.55 1.29
CA LEU A 73 -4.30 -3.75 2.56
C LEU A 73 -5.27 -4.45 3.53
N THR A 74 -4.78 -5.52 4.16
CA THR A 74 -5.60 -6.40 4.96
C THR A 74 -5.04 -6.46 6.38
N PRO A 75 -5.85 -7.01 7.34
CA PRO A 75 -5.30 -7.23 8.66
C PRO A 75 -4.34 -8.41 8.81
N GLY A 76 -4.11 -9.13 7.72
CA GLY A 76 -3.25 -10.34 7.67
C GLY A 76 -4.06 -11.59 7.43
N VAL A 77 -4.18 -11.95 6.14
CA VAL A 77 -4.82 -13.20 5.71
C VAL A 77 -3.76 -14.27 5.64
N VAL A 78 -3.93 -15.32 6.43
CA VAL A 78 -2.97 -16.43 6.42
C VAL A 78 -3.57 -17.58 5.63
N THR A 79 -2.95 -17.88 4.49
CA THR A 79 -3.45 -18.94 3.63
C THR A 79 -3.06 -20.30 4.23
N PRO A 80 -3.70 -21.40 3.78
CA PRO A 80 -3.43 -22.71 4.40
C PRO A 80 -1.95 -23.14 4.27
N ASP A 81 -1.24 -22.60 3.29
CA ASP A 81 0.20 -22.91 3.10
C ASP A 81 1.06 -22.20 4.16
N GLY A 82 0.42 -21.41 5.03
CA GLY A 82 1.11 -20.74 6.14
C GLY A 82 1.60 -19.32 5.83
N GLN A 83 1.46 -18.87 4.60
CA GLN A 83 1.94 -17.53 4.22
C GLN A 83 0.97 -16.45 4.64
N ARG A 84 1.47 -15.34 5.19
CA ARG A 84 0.63 -14.20 5.54
CA ARG A 84 0.62 -14.21 5.54
C ARG A 84 0.59 -13.17 4.42
N HIS A 85 -0.61 -12.79 4.04
CA HIS A 85 -0.85 -11.77 3.04
C HIS A 85 -1.44 -10.54 3.73
N ASP A 86 -0.59 -9.55 3.98
CA ASP A 86 -1.02 -8.24 4.54
C ASP A 86 -1.38 -7.26 3.43
N LYS A 87 -0.94 -7.55 2.22
CA LYS A 87 -1.45 -6.84 1.05
CA LYS A 87 -1.33 -6.79 1.01
C LYS A 87 -1.66 -7.80 -0.07
N PHE A 88 -2.62 -7.48 -0.92
CA PHE A 88 -2.73 -8.08 -2.25
C PHE A 88 -2.62 -6.96 -3.28
N GLU A 89 -1.96 -7.24 -4.38
CA GLU A 89 -1.86 -6.31 -5.52
C GLU A 89 -2.34 -6.98 -6.81
N VAL A 90 -3.29 -6.33 -7.47
CA VAL A 90 -3.91 -6.86 -8.68
C VAL A 90 -3.71 -5.82 -9.75
N VAL A 91 -3.14 -6.23 -10.91
CA VAL A 91 -2.99 -5.27 -12.01
C VAL A 91 -4.18 -5.47 -12.95
N GLN A 92 -4.86 -4.38 -13.31
CA GLN A 92 -6.03 -4.43 -14.17
CA GLN A 92 -6.02 -4.46 -14.18
C GLN A 92 -5.85 -3.52 -15.38
N LYS A 93 -5.78 -4.11 -16.57
CA LYS A 93 -5.73 -3.28 -17.81
C LYS A 93 -7.03 -2.49 -17.94
N LEU A 94 -6.90 -1.20 -18.25
CA LEU A 94 -8.04 -0.36 -18.52
C LEU A 94 -8.74 -0.77 -19.82
N VAL A 95 -10.07 -0.83 -19.76
CA VAL A 95 -10.89 -1.16 -20.94
C VAL A 95 -11.71 0.06 -21.27
N PRO A 96 -11.36 0.76 -22.37
CA PRO A 96 -12.00 2.06 -22.64
C PRO A 96 -13.55 2.00 -22.62
N GLY A 97 -14.12 0.93 -23.11
CA GLY A 97 -15.58 0.91 -23.30
C GLY A 97 -16.33 0.30 -22.16
N ALA A 98 -15.63 -0.10 -21.09
CA ALA A 98 -16.33 -0.52 -19.86
C ALA A 98 -16.91 0.66 -19.08
N PRO A 99 -18.25 0.72 -18.93
CA PRO A 99 -18.82 1.92 -18.26
C PRO A 99 -18.41 2.11 -16.77
N THR A 100 -18.18 1.01 -16.06
CA THR A 100 -17.77 1.07 -14.68
C THR A 100 -16.56 0.18 -14.48
N ASP A 101 -15.81 0.51 -13.44
CA ASP A 101 -14.67 -0.25 -12.97
C ASP A 101 -14.93 -0.59 -11.49
N VAL A 102 -14.48 -1.75 -11.06
CA VAL A 102 -14.75 -2.29 -9.74
C VAL A 102 -13.47 -2.73 -9.09
N ALA A 104 -13.13 -5.02 -5.75
CA ALA A 104 -13.85 -5.76 -4.72
C ALA A 104 -13.05 -6.93 -4.17
N TYR A 105 -13.47 -7.35 -2.99
CA TYR A 105 -12.92 -8.48 -2.29
C TYR A 105 -14.08 -9.31 -1.75
N GLU A 106 -14.00 -10.63 -1.94
CA GLU A 106 -15.01 -11.54 -1.41
CA GLU A 106 -15.01 -11.54 -1.38
C GLU A 106 -14.38 -12.60 -0.48
N PHE A 107 -15.05 -12.84 0.65
CA PHE A 107 -14.62 -13.86 1.59
C PHE A 107 -15.11 -15.21 1.03
N THR A 108 -14.28 -15.88 0.24
CA THR A 108 -14.66 -17.12 -0.39
C THR A 108 -14.26 -18.37 0.42
N GLU A 109 -13.21 -18.23 1.23
CA GLU A 109 -12.68 -19.32 2.03
C GLU A 109 -12.51 -18.86 3.46
N PRO A 110 -12.58 -19.78 4.44
CA PRO A 110 -12.59 -19.30 5.83
C PRO A 110 -11.42 -18.42 6.25
N HIS A 111 -10.22 -18.71 5.77
CA HIS A 111 -9.02 -17.95 6.18
C HIS A 111 -9.06 -16.50 5.68
N GLU A 112 -9.91 -16.20 4.71
CA GLU A 112 -10.02 -14.85 4.19
C GLU A 112 -10.87 -13.93 5.09
N VAL A 113 -11.68 -14.54 5.98
CA VAL A 113 -12.54 -13.79 6.89
C VAL A 113 -11.70 -13.33 8.07
N VAL A 114 -11.10 -12.15 7.94
CA VAL A 114 -10.22 -11.63 8.96
C VAL A 114 -10.74 -10.28 9.44
N LYS A 115 -11.07 -10.26 10.73
CA LYS A 115 -11.63 -9.05 11.34
C LYS A 115 -10.57 -7.97 11.40
N GLY A 116 -11.01 -6.73 11.23
CA GLY A 116 -10.15 -5.55 11.34
C GLY A 116 -10.33 -4.62 10.15
N GLU A 117 -9.36 -3.73 9.95
CA GLU A 117 -9.45 -2.73 8.88
CA GLU A 117 -9.45 -2.74 8.88
C GLU A 117 -8.84 -3.27 7.57
N TRP A 118 -9.61 -3.15 6.48
CA TRP A 118 -9.20 -3.44 5.13
C TRP A 118 -9.30 -2.11 4.38
N ARG A 119 -8.18 -1.71 3.81
CA ARG A 119 -8.08 -0.47 3.08
CA ARG A 119 -8.10 -0.48 3.08
C ARG A 119 -7.85 -0.84 1.61
N LEU A 120 -8.80 -0.47 0.74
CA LEU A 120 -8.78 -0.78 -0.69
C LEU A 120 -8.48 0.51 -1.44
N VAL A 122 -7.26 2.16 -5.21
CA VAL A 122 -7.05 2.10 -6.64
C VAL A 122 -6.05 3.16 -7.09
N PHE A 123 -4.95 2.69 -7.68
CA PHE A 123 -3.91 3.56 -8.21
C PHE A 123 -3.78 3.43 -9.72
N GLN A 124 -3.31 4.50 -10.38
CA GLN A 124 -2.72 4.34 -11.71
C GLN A 124 -1.26 4.79 -11.57
N GLY A 125 -0.30 3.86 -11.63
CA GLY A 125 1.08 4.20 -11.31
C GLY A 125 1.13 4.67 -9.86
N ASP A 126 1.73 5.84 -9.61
CA ASP A 126 1.80 6.40 -8.28
C ASP A 126 0.56 7.17 -7.81
N ARG A 127 -0.40 7.43 -8.69
CA ARG A 127 -1.52 8.30 -8.40
C ARG A 127 -2.72 7.52 -7.91
N LEU A 128 -3.19 7.94 -6.76
CA LEU A 128 -4.39 7.35 -6.17
C LEU A 128 -5.63 7.92 -6.81
N LEU A 129 -6.49 7.06 -7.35
CA LEU A 129 -7.75 7.48 -7.94
C LEU A 129 -8.90 7.46 -6.89
N ALA A 130 -8.94 6.40 -6.08
CA ALA A 130 -10.00 6.21 -5.10
C ALA A 130 -9.56 5.31 -3.97
N GLU A 131 -10.13 5.52 -2.79
CA GLU A 131 -9.84 4.63 -1.66
C GLU A 131 -10.99 4.56 -0.71
N LYS A 132 -11.11 3.43 -0.01
CA LYS A 132 -12.03 3.28 1.08
C LYS A 132 -11.50 2.29 2.08
N SER A 133 -11.75 2.65 3.36
CA SER A 133 -11.40 1.82 4.53
C SER A 133 -12.65 1.14 5.04
N PHE A 134 -12.61 -0.20 5.13
CA PHE A 134 -13.72 -1.00 5.68
C PHE A 134 -13.35 -1.69 7.00
N ASP A 135 -14.32 -1.75 7.91
CA ASP A 135 -14.19 -2.38 9.22
CA ASP A 135 -14.16 -2.41 9.18
C ASP A 135 -14.98 -3.69 9.15
N VAL A 136 -14.24 -4.80 9.21
CA VAL A 136 -14.80 -6.14 9.09
C VAL A 136 -14.92 -6.66 10.52
N ARG A 137 -16.14 -6.97 10.92
CA ARG A 137 -16.34 -7.56 12.24
CA ARG A 137 -16.35 -7.53 12.25
C ARG A 137 -17.56 -8.42 12.31
N GLY B 1 23.21 -20.05 4.78
CA GLY B 1 23.08 -21.35 5.48
C GLY B 1 21.78 -22.08 5.15
N ALA B 2 21.30 -22.87 6.09
CA ALA B 2 20.03 -23.56 5.92
C ALA B 2 18.90 -22.55 5.58
N GLN B 3 18.05 -22.92 4.61
CA GLN B 3 16.96 -22.04 4.18
CA GLN B 3 16.96 -22.05 4.18
C GLN B 3 16.18 -21.59 5.41
N ALA B 4 15.93 -20.29 5.49
CA ALA B 4 15.16 -19.67 6.58
C ALA B 4 14.23 -18.56 6.05
N GLU B 5 13.06 -18.43 6.67
CA GLU B 5 12.17 -17.30 6.39
C GLU B 5 12.89 -16.00 6.78
N VAL B 6 12.66 -14.93 6.04
CA VAL B 6 13.13 -13.59 6.44
C VAL B 6 12.18 -13.04 7.49
N ARG B 7 12.71 -12.69 8.65
CA ARG B 7 11.93 -12.19 9.77
C ARG B 7 12.64 -11.03 10.43
N ILE B 8 11.86 -10.15 11.04
CA ILE B 8 12.37 -9.09 11.94
C ILE B 8 13.14 -9.81 13.07
N ASP B 9 14.33 -9.32 13.40
CA ASP B 9 15.23 -9.99 14.34
C ASP B 9 15.81 -8.99 15.33
N GLY B 10 15.11 -7.90 15.56
CA GLY B 10 15.60 -6.92 16.51
C GLY B 10 14.64 -5.77 16.58
N PRO B 11 14.98 -4.77 17.40
CA PRO B 11 14.03 -3.63 17.48
C PRO B 11 13.94 -2.81 16.22
N ILE B 12 12.80 -2.14 16.06
CA ILE B 12 12.61 -1.20 14.99
C ILE B 12 12.93 0.17 15.55
N GLU B 13 13.93 0.83 14.98
CA GLU B 13 14.13 2.25 15.27
CA GLU B 13 14.19 2.21 15.23
C GLU B 13 13.34 3.01 14.24
N TYR B 14 12.61 4.02 14.70
CA TYR B 14 11.88 4.87 13.74
C TYR B 14 12.12 6.28 14.19
N GLY B 15 12.01 7.21 13.25
CA GLY B 15 12.10 8.59 13.55
C GLY B 15 12.81 9.41 12.52
N VAL B 16 13.38 10.49 13.02
CA VAL B 16 14.08 11.50 12.21
C VAL B 16 15.57 11.18 12.20
N PHE B 17 16.12 11.02 11.01
CA PHE B 17 17.53 10.67 10.81
C PHE B 17 18.42 11.93 10.94
N GLU B 18 19.35 11.87 11.88
CA GLU B 18 20.33 12.97 12.07
C GLU B 18 21.30 13.01 10.88
N SER B 19 21.46 14.19 10.26
CA SER B 19 22.20 14.32 8.98
C SER B 19 23.69 14.00 9.09
N SER B 34 24.01 1.52 10.21
CA SER B 34 23.68 0.92 11.50
C SER B 34 23.92 1.89 12.65
N GLU B 35 24.90 2.78 12.48
CA GLU B 35 25.41 3.65 13.54
C GLU B 35 24.83 5.07 13.57
N GLN B 36 24.41 5.59 12.41
CA GLN B 36 23.85 6.95 12.32
C GLN B 36 22.66 7.10 13.27
N ASN B 37 22.50 8.27 13.90
CA ASN B 37 21.49 8.46 14.93
CA ASN B 37 21.48 8.44 14.94
C ASN B 37 20.10 8.72 14.36
N ILE B 38 19.09 8.05 14.94
CA ILE B 38 17.68 8.28 14.66
C ILE B 38 16.96 8.79 15.92
N GLN B 39 16.36 9.98 15.84
CA GLN B 39 15.63 10.59 16.94
C GLN B 39 14.23 9.97 16.97
N GLN B 40 13.89 9.29 18.07
CA GLN B 40 12.65 8.51 18.11
C GLN B 40 11.43 9.42 18.24
N THR B 41 10.59 9.43 17.19
CA THR B 41 9.43 10.31 17.14
C THR B 41 8.63 9.93 15.89
N THR B 42 7.32 10.15 15.96
CA THR B 42 6.49 10.03 14.78
C THR B 42 6.11 11.38 14.25
N GLU B 43 6.50 12.46 14.95
CA GLU B 43 6.23 13.81 14.50
C GLU B 43 7.44 14.26 13.69
N VAL B 44 7.20 14.56 12.42
CA VAL B 44 8.26 14.92 11.48
C VAL B 44 8.08 16.39 11.06
N PRO B 45 9.13 17.20 11.14
CA PRO B 45 8.95 18.59 10.72
C PRO B 45 8.80 18.71 9.22
N ALA B 46 7.85 19.54 8.80
CA ALA B 46 7.64 19.81 7.39
C ALA B 46 8.68 20.83 6.90
N LYS B 47 9.94 20.39 6.85
CA LYS B 47 11.08 21.26 6.58
CA LYS B 47 11.08 21.26 6.57
C LYS B 47 11.99 20.59 5.55
N LEU B 48 12.39 21.33 4.52
CA LEU B 48 13.33 20.84 3.52
C LEU B 48 14.56 20.27 4.20
N GLY B 49 15.03 19.14 3.70
CA GLY B 49 16.21 18.49 4.23
C GLY B 49 15.95 17.46 5.31
N THR B 50 14.73 17.40 5.81
CA THR B 50 14.36 16.43 6.85
C THR B 50 14.29 15.04 6.24
N LYS B 51 14.85 14.06 6.95
CA LYS B 51 14.79 12.67 6.56
C LYS B 51 14.22 11.84 7.69
N PHE B 52 13.28 10.97 7.39
CA PHE B 52 12.63 10.17 8.42
C PHE B 52 12.40 8.74 7.92
N GLY B 53 12.15 7.80 8.83
CA GLY B 53 11.88 6.43 8.39
C GLY B 53 12.21 5.46 9.50
N ARG B 55 14.83 1.95 10.72
CA ARG B 55 15.98 1.12 10.54
C ARG B 55 15.69 -0.13 11.35
N TYR B 56 15.98 -1.27 10.81
CA TYR B 56 15.50 -2.53 11.39
C TYR B 56 16.49 -3.65 11.05
N GLN B 57 16.30 -4.80 11.67
CA GLN B 57 17.21 -5.93 11.49
C GLN B 57 16.41 -7.13 11.04
N LEU B 58 16.94 -7.84 10.05
CA LEU B 58 16.30 -9.03 9.47
C LEU B 58 17.19 -10.25 9.60
N SER B 59 16.62 -11.38 10.04
CA SER B 59 17.28 -12.69 9.98
C SER B 59 16.82 -13.47 8.76
N GLY B 60 17.60 -14.46 8.37
CA GLY B 60 17.23 -15.34 7.27
C GLY B 60 17.49 -14.80 5.87
N LYS B 61 18.15 -13.65 5.76
CA LYS B 61 18.35 -13.04 4.43
C LYS B 61 19.31 -13.86 3.60
N GLN B 62 18.88 -14.22 2.41
CA GLN B 62 19.67 -15.02 1.51
CA GLN B 62 19.76 -14.97 1.51
C GLN B 62 19.65 -14.39 0.12
N GLU B 63 20.70 -14.62 -0.67
CA GLU B 63 20.76 -13.99 -1.99
CA GLU B 63 20.82 -14.07 -2.01
C GLU B 63 19.62 -14.45 -2.88
N GLY B 64 19.18 -15.70 -2.74
CA GLY B 64 18.07 -16.21 -3.55
C GLY B 64 16.64 -15.71 -3.25
N ASP B 65 16.44 -14.96 -2.17
CA ASP B 65 15.13 -14.63 -1.60
CA ASP B 65 15.06 -14.73 -1.73
C ASP B 65 14.39 -13.54 -2.40
N THR B 66 13.07 -13.55 -2.28
CA THR B 66 12.23 -12.48 -2.77
C THR B 66 12.74 -11.16 -2.18
N PRO B 67 12.97 -10.15 -3.03
CA PRO B 67 13.34 -8.85 -2.52
C PRO B 67 12.27 -8.11 -1.66
N LEU B 68 12.71 -7.08 -0.99
CA LEU B 68 11.77 -6.26 -0.26
C LEU B 68 11.07 -5.28 -1.19
N THR B 69 9.82 -5.00 -0.84
CA THR B 69 9.06 -3.90 -1.44
C THR B 69 8.89 -2.82 -0.39
N LEU B 70 9.43 -1.64 -0.67
CA LEU B 70 9.31 -0.52 0.26
C LEU B 70 8.17 0.36 -0.27
N LEU B 71 7.03 0.35 0.44
CA LEU B 71 5.83 1.06 -0.03
CA LEU B 71 5.82 1.03 -0.02
C LEU B 71 5.64 2.30 0.82
N TYR B 72 5.85 3.46 0.20
CA TYR B 72 5.66 4.74 0.84
C TYR B 72 4.28 5.26 0.45
N LEU B 73 3.37 5.38 1.42
CA LEU B 73 2.10 6.06 1.19
C LEU B 73 2.22 7.51 1.63
N THR B 74 1.89 8.43 0.76
CA THR B 74 2.07 9.84 1.07
C THR B 74 0.74 10.58 1.01
N PRO B 75 0.72 11.86 1.45
CA PRO B 75 -0.52 12.63 1.31
C PRO B 75 -0.75 13.19 -0.08
N GLY B 76 0.19 12.93 -1.00
CA GLY B 76 0.12 13.38 -2.39
C GLY B 76 1.22 14.36 -2.73
N VAL B 77 2.33 13.84 -3.25
CA VAL B 77 3.48 14.64 -3.68
C VAL B 77 3.28 14.99 -5.14
N VAL B 78 3.21 16.28 -5.46
CA VAL B 78 2.98 16.68 -6.84
C VAL B 78 4.31 17.14 -7.41
N THR B 79 4.86 16.38 -8.36
CA THR B 79 6.15 16.75 -8.94
C THR B 79 5.93 17.94 -9.87
N PRO B 80 7.02 18.63 -10.24
CA PRO B 80 6.86 19.81 -11.08
C PRO B 80 6.15 19.55 -12.42
N ASP B 81 6.22 18.33 -12.91
CA ASP B 81 5.52 17.96 -14.14
C ASP B 81 4.01 17.87 -13.97
N GLY B 82 3.52 18.02 -12.74
CA GLY B 82 2.10 18.04 -12.45
C GLY B 82 1.56 16.70 -12.00
N GLN B 83 2.36 15.63 -12.05
CA GLN B 83 1.89 14.30 -11.67
CA GLN B 83 1.91 14.31 -11.66
C GLN B 83 1.82 14.20 -10.14
N ARG B 84 0.72 13.61 -9.64
CA ARG B 84 0.56 13.36 -8.20
CA ARG B 84 0.58 13.38 -8.21
C ARG B 84 1.05 11.96 -7.83
N HIS B 85 1.88 11.88 -6.78
CA HIS B 85 2.43 10.60 -6.31
C HIS B 85 1.91 10.41 -4.91
N ASP B 86 0.89 9.55 -4.84
CA ASP B 86 0.29 9.17 -3.58
C ASP B 86 0.98 7.99 -2.97
N LYS B 87 1.67 7.24 -3.81
CA LYS B 87 2.56 6.20 -3.31
CA LYS B 87 2.48 6.10 -3.41
C LYS B 87 3.83 6.20 -4.11
N PHE B 88 4.91 5.77 -3.44
CA PHE B 88 6.17 5.37 -4.09
C PHE B 88 6.39 3.88 -3.70
N GLU B 89 6.80 3.05 -4.65
N GLU B 89 6.74 3.08 -4.71
CA GLU B 89 6.97 1.61 -4.37
CA GLU B 89 7.08 1.67 -4.53
C GLU B 89 8.27 1.08 -5.02
C GLU B 89 8.48 1.43 -5.05
N VAL B 90 9.31 0.88 -4.18
CA VAL B 90 10.70 0.64 -4.55
C VAL B 90 11.07 -0.79 -4.15
N VAL B 91 11.74 -1.50 -5.05
CA VAL B 91 12.14 -2.88 -4.76
C VAL B 91 13.59 -2.84 -4.38
N GLN B 92 13.95 -3.56 -3.32
CA GLN B 92 15.31 -3.58 -2.79
CA GLN B 92 15.34 -3.61 -2.90
C GLN B 92 15.77 -5.03 -2.57
N LYS B 93 16.85 -5.42 -3.24
CA LYS B 93 17.36 -6.77 -3.09
C LYS B 93 17.92 -6.94 -1.67
N LEU B 94 17.76 -8.14 -1.13
CA LEU B 94 18.28 -8.46 0.19
C LEU B 94 19.79 -8.66 0.16
N VAL B 95 20.49 -8.07 1.12
CA VAL B 95 21.95 -8.24 1.25
C VAL B 95 22.20 -8.95 2.58
N PRO B 96 22.50 -10.25 2.54
CA PRO B 96 22.61 -11.01 3.79
C PRO B 96 23.53 -10.41 4.82
N GLY B 97 24.65 -9.85 4.36
CA GLY B 97 25.69 -9.36 5.22
C GLY B 97 25.43 -7.99 5.83
N ALA B 98 24.37 -7.29 5.41
CA ALA B 98 24.05 -5.98 5.99
C ALA B 98 23.36 -6.15 7.35
N PRO B 99 24.00 -5.65 8.42
CA PRO B 99 23.39 -5.84 9.75
C PRO B 99 22.05 -5.16 9.96
N THR B 100 21.87 -4.01 9.32
CA THR B 100 20.61 -3.30 9.37
C THR B 100 20.14 -2.98 7.95
N ASP B 101 18.82 -2.84 7.85
CA ASP B 101 18.15 -2.42 6.64
C ASP B 101 17.44 -1.14 6.96
N VAL B 102 17.27 -0.25 5.98
CA VAL B 102 16.70 1.06 6.18
C VAL B 102 15.61 1.32 5.16
N ALA B 104 13.80 4.87 4.28
CA ALA B 104 13.76 6.27 4.65
C ALA B 104 13.32 7.15 3.49
N TYR B 105 12.81 8.33 3.81
CA TYR B 105 12.39 9.33 2.84
C TYR B 105 12.93 10.67 3.26
N GLU B 106 13.50 11.41 2.31
CA GLU B 106 14.02 12.74 2.59
C GLU B 106 13.28 13.76 1.76
N PHE B 107 12.97 14.89 2.39
CA PHE B 107 12.42 16.07 1.68
C PHE B 107 13.55 16.82 0.96
N THR B 108 13.98 16.27 -0.18
CA THR B 108 15.09 16.83 -0.95
C THR B 108 14.72 18.11 -1.73
N GLU B 109 13.50 18.14 -2.26
CA GLU B 109 13.00 19.22 -3.10
C GLU B 109 11.69 19.77 -2.50
N PRO B 110 11.41 21.07 -2.72
CA PRO B 110 10.27 21.75 -2.10
C PRO B 110 8.93 20.98 -2.24
N HIS B 111 8.64 20.41 -3.40
CA HIS B 111 7.38 19.73 -3.62
C HIS B 111 7.21 18.45 -2.79
N GLU B 112 8.31 17.91 -2.25
CA GLU B 112 8.28 16.73 -1.39
C GLU B 112 7.81 17.01 0.04
N VAL B 113 7.85 18.28 0.45
CA VAL B 113 7.48 18.67 1.82
C VAL B 113 5.94 18.81 1.86
N VAL B 114 5.27 17.69 2.15
CA VAL B 114 3.80 17.65 2.17
C VAL B 114 3.30 17.20 3.54
N LYS B 115 2.54 18.10 4.17
CA LYS B 115 1.94 17.86 5.50
C LYS B 115 0.87 16.76 5.45
N GLY B 116 0.82 15.99 6.52
CA GLY B 116 -0.18 15.00 6.72
C GLY B 116 0.49 13.68 7.05
N GLU B 117 -0.23 12.60 6.83
CA GLU B 117 0.24 11.27 7.23
CA GLU B 117 0.25 11.26 7.24
C GLU B 117 1.05 10.55 6.14
N TRP B 118 2.25 10.11 6.49
CA TRP B 118 3.04 9.28 5.61
C TRP B 118 3.13 7.92 6.29
N ARG B 119 2.84 6.87 5.56
CA ARG B 119 2.88 5.53 6.10
CA ARG B 119 2.89 5.52 6.11
C ARG B 119 3.92 4.74 5.30
N LEU B 120 4.96 4.26 6.00
CA LEU B 120 6.07 3.57 5.35
C LEU B 120 5.97 2.11 5.77
N VAL B 122 7.28 -1.95 4.84
CA VAL B 122 8.24 -2.84 4.27
C VAL B 122 7.59 -4.20 4.13
N PHE B 123 7.53 -4.72 2.90
CA PHE B 123 6.97 -6.03 2.58
C PHE B 123 8.03 -6.96 2.00
N GLN B 124 7.83 -8.26 2.16
CA GLN B 124 8.45 -9.24 1.30
C GLN B 124 7.29 -9.98 0.64
N GLY B 125 7.11 -9.75 -0.66
CA GLY B 125 5.93 -10.27 -1.36
C GLY B 125 4.71 -9.64 -0.70
N ASP B 126 3.73 -10.49 -0.37
CA ASP B 126 2.50 -9.98 0.25
C ASP B 126 2.61 -9.75 1.77
N ARG B 127 3.74 -10.16 2.37
CA ARG B 127 3.86 -10.18 3.82
C ARG B 127 4.50 -8.90 4.35
N LEU B 128 3.83 -8.27 5.29
CA LEU B 128 4.33 -7.06 5.95
C LEU B 128 5.35 -7.40 7.04
N LEU B 129 6.56 -6.87 6.90
CA LEU B 129 7.59 -7.07 7.90
C LEU B 129 7.53 -5.95 8.96
N ALA B 130 7.36 -4.71 8.53
CA ALA B 130 7.41 -3.56 9.47
C ALA B 130 6.70 -2.38 8.85
N GLU B 131 6.07 -1.58 9.69
CA GLU B 131 5.44 -0.34 9.23
C GLU B 131 5.48 0.70 10.30
N LYS B 132 5.45 1.96 9.87
CA LYS B 132 5.34 3.08 10.76
C LYS B 132 4.65 4.24 10.04
N SER B 133 3.76 4.90 10.79
CA SER B 133 3.08 6.09 10.31
C SER B 133 3.67 7.31 10.96
N PHE B 134 3.84 8.36 10.18
CA PHE B 134 4.47 9.60 10.59
C PHE B 134 3.50 10.73 10.28
N ASP B 135 3.47 11.74 11.15
CA ASP B 135 2.67 12.93 10.95
CA ASP B 135 2.68 12.93 10.94
C ASP B 135 3.63 14.09 10.61
N VAL B 136 3.56 14.57 9.39
CA VAL B 136 4.43 15.62 8.91
C VAL B 136 3.67 16.91 9.16
N ARG B 137 4.28 17.82 9.91
CA ARG B 137 3.58 19.07 10.24
C ARG B 137 4.53 20.23 10.47
#